data_2MTY
# 
_entry.id   2MTY 
# 
_audit_conform.dict_name       mmcif_pdbx.dic 
_audit_conform.dict_version    5.392 
_audit_conform.dict_location   http://mmcif.pdb.org/dictionaries/ascii/mmcif_pdbx.dic 
# 
loop_
_database_2.database_id 
_database_2.database_code 
_database_2.pdbx_database_accession 
_database_2.pdbx_DOI 
PDB   2MTY         pdb_00002mty 10.2210/pdb2mty/pdb 
RCSB  RCSB104041   ?            ?                   
BMRB  25191        ?            10.13018/BMR25191   
WWPDB D_1000104041 ?            ?                   
# 
loop_
_pdbx_audit_revision_history.ordinal 
_pdbx_audit_revision_history.data_content_type 
_pdbx_audit_revision_history.major_revision 
_pdbx_audit_revision_history.minor_revision 
_pdbx_audit_revision_history.revision_date 
1 'Structure model' 1 0 2014-12-17 
2 'Structure model' 1 1 2023-06-14 
3 'Structure model' 1 2 2024-05-15 
# 
_pdbx_audit_revision_details.ordinal             1 
_pdbx_audit_revision_details.revision_ordinal    1 
_pdbx_audit_revision_details.data_content_type   'Structure model' 
_pdbx_audit_revision_details.provider            repository 
_pdbx_audit_revision_details.type                'Initial release' 
_pdbx_audit_revision_details.description         ? 
_pdbx_audit_revision_details.details             ? 
# 
loop_
_pdbx_audit_revision_group.ordinal 
_pdbx_audit_revision_group.revision_ordinal 
_pdbx_audit_revision_group.data_content_type 
_pdbx_audit_revision_group.group 
1 2 'Structure model' 'Data collection'     
2 2 'Structure model' 'Database references' 
3 2 'Structure model' Other                 
4 3 'Structure model' 'Data collection'     
5 3 'Structure model' 'Database references' 
# 
loop_
_pdbx_audit_revision_category.ordinal 
_pdbx_audit_revision_category.revision_ordinal 
_pdbx_audit_revision_category.data_content_type 
_pdbx_audit_revision_category.category 
1 2 'Structure model' database_2           
2 2 'Structure model' pdbx_database_status 
3 2 'Structure model' pdbx_nmr_software    
4 3 'Structure model' chem_comp_atom       
5 3 'Structure model' chem_comp_bond       
6 3 'Structure model' database_2           
# 
loop_
_pdbx_audit_revision_item.ordinal 
_pdbx_audit_revision_item.revision_ordinal 
_pdbx_audit_revision_item.data_content_type 
_pdbx_audit_revision_item.item 
1 2 'Structure model' '_database_2.pdbx_DOI'                       
2 2 'Structure model' '_database_2.pdbx_database_accession'        
3 2 'Structure model' '_pdbx_database_status.status_code_nmr_data' 
4 2 'Structure model' '_pdbx_nmr_software.name'                    
5 3 'Structure model' '_database_2.pdbx_DOI'                       
# 
_pdbx_database_status.deposit_site                    BMRB 
_pdbx_database_status.entry_id                        2MTY 
_pdbx_database_status.methods_development_category    ? 
_pdbx_database_status.process_site                    RCSB 
_pdbx_database_status.recvd_initial_deposition_date   2014-09-01 
_pdbx_database_status.SG_entry                        ? 
_pdbx_database_status.status_code                     REL 
_pdbx_database_status.status_code_mr                  REL 
_pdbx_database_status.status_code_sf                  ? 
_pdbx_database_status.status_code_cs                  REL 
_pdbx_database_status.pdb_format_compatible           Y 
_pdbx_database_status.status_code_nmr_data            REL 
# 
loop_
_pdbx_database_related.db_id 
_pdbx_database_related.db_name 
_pdbx_database_related.content_type 
_pdbx_database_related.details 
25191 BMRB unspecified . 
2MU6  PDB  unspecified . 
# 
loop_
_audit_author.name 
_audit_author.pdbx_ordinal 
'Bermudez, A.'    1 
'Alba, M.P.'      2 
'Vanegas, M.'     3 
'Patarroyo, M.E.' 4 
# 
_citation.id                        primary 
_citation.title                     
'3D structure determination of STARP peptides implicated in P. falciparum invasion of hepatic cells.' 
_citation.journal_abbrev            Vaccine 
_citation.journal_volume            28 
_citation.page_first                4989 
_citation.page_last                 4996 
_citation.year                      2010 
_citation.journal_id_ASTM           ? 
_citation.country                   NE 
_citation.journal_id_ISSN           0264-410X 
_citation.journal_id_CSD            ? 
_citation.book_publisher            ? 
_citation.pdbx_database_id_PubMed   20580741 
_citation.pdbx_database_id_DOI      10.1016/j.vaccine.2010.05.025 
# 
loop_
_citation_author.citation_id 
_citation_author.name 
_citation_author.ordinal 
_citation_author.identifier_ORCID 
primary 'Bermudez, A.'    1 ? 
primary 'Alba, M.P.'      2 ? 
primary 'Vanegas, M.'     3 ? 
primary 'Patarroyo, M.E.' 4 ? 
# 
_entity.id                         1 
_entity.type                       polymer 
_entity.src_method                 syn 
_entity.pdbx_description           'STARP antigen' 
_entity.formula_weight             2332.594 
_entity.pdbx_number_of_molecules   1 
_entity.pdbx_ec                    ? 
_entity.pdbx_mutation              ? 
_entity.pdbx_fragment              'UNP residues 41-60' 
_entity.details                    ? 
# 
_entity_poly.entity_id                      1 
_entity_poly.type                           'polypeptide(L)' 
_entity_poly.nstd_linkage                   no 
_entity_poly.nstd_monomer                   no 
_entity_poly.pdbx_seq_one_letter_code       VIKHNRFLSEYQSNFLGGGY 
_entity_poly.pdbx_seq_one_letter_code_can   VIKHNRFLSEYQSNFLGGGY 
_entity_poly.pdbx_strand_id                 A 
_entity_poly.pdbx_target_identifier         ? 
# 
loop_
_entity_poly_seq.entity_id 
_entity_poly_seq.num 
_entity_poly_seq.mon_id 
_entity_poly_seq.hetero 
1 1  VAL n 
1 2  ILE n 
1 3  LYS n 
1 4  HIS n 
1 5  ASN n 
1 6  ARG n 
1 7  PHE n 
1 8  LEU n 
1 9  SER n 
1 10 GLU n 
1 11 TYR n 
1 12 GLN n 
1 13 SER n 
1 14 ASN n 
1 15 PHE n 
1 16 LEU n 
1 17 GLY n 
1 18 GLY n 
1 19 GLY n 
1 20 TYR n 
# 
_pdbx_entity_src_syn.entity_id              1 
_pdbx_entity_src_syn.pdbx_src_id            1 
_pdbx_entity_src_syn.pdbx_alt_source_flag   sample 
_pdbx_entity_src_syn.pdbx_beg_seq_num       ? 
_pdbx_entity_src_syn.pdbx_end_seq_num       ? 
_pdbx_entity_src_syn.organism_scientific    'Plasmodium falciparum' 
_pdbx_entity_src_syn.organism_common_name   ? 
_pdbx_entity_src_syn.ncbi_taxonomy_id       5833 
_pdbx_entity_src_syn.details                ? 
# 
loop_
_chem_comp.id 
_chem_comp.type 
_chem_comp.mon_nstd_flag 
_chem_comp.name 
_chem_comp.pdbx_synonyms 
_chem_comp.formula 
_chem_comp.formula_weight 
ARG 'L-peptide linking' y ARGININE        ? 'C6 H15 N4 O2 1' 175.209 
ASN 'L-peptide linking' y ASPARAGINE      ? 'C4 H8 N2 O3'    132.118 
GLN 'L-peptide linking' y GLUTAMINE       ? 'C5 H10 N2 O3'   146.144 
GLU 'L-peptide linking' y 'GLUTAMIC ACID' ? 'C5 H9 N O4'     147.129 
GLY 'peptide linking'   y GLYCINE         ? 'C2 H5 N O2'     75.067  
HIS 'L-peptide linking' y HISTIDINE       ? 'C6 H10 N3 O2 1' 156.162 
ILE 'L-peptide linking' y ISOLEUCINE      ? 'C6 H13 N O2'    131.173 
LEU 'L-peptide linking' y LEUCINE         ? 'C6 H13 N O2'    131.173 
LYS 'L-peptide linking' y LYSINE          ? 'C6 H15 N2 O2 1' 147.195 
PHE 'L-peptide linking' y PHENYLALANINE   ? 'C9 H11 N O2'    165.189 
SER 'L-peptide linking' y SERINE          ? 'C3 H7 N O3'     105.093 
TYR 'L-peptide linking' y TYROSINE        ? 'C9 H11 N O3'    181.189 
VAL 'L-peptide linking' y VALINE          ? 'C5 H11 N O2'    117.146 
# 
loop_
_pdbx_poly_seq_scheme.asym_id 
_pdbx_poly_seq_scheme.entity_id 
_pdbx_poly_seq_scheme.seq_id 
_pdbx_poly_seq_scheme.mon_id 
_pdbx_poly_seq_scheme.ndb_seq_num 
_pdbx_poly_seq_scheme.pdb_seq_num 
_pdbx_poly_seq_scheme.auth_seq_num 
_pdbx_poly_seq_scheme.pdb_mon_id 
_pdbx_poly_seq_scheme.auth_mon_id 
_pdbx_poly_seq_scheme.pdb_strand_id 
_pdbx_poly_seq_scheme.pdb_ins_code 
_pdbx_poly_seq_scheme.hetero 
A 1 1  VAL 1  1  1  VAL VAL A . n 
A 1 2  ILE 2  2  2  ILE ILE A . n 
A 1 3  LYS 3  3  3  LYS LYS A . n 
A 1 4  HIS 4  4  4  HIS HIS A . n 
A 1 5  ASN 5  5  5  ASN ASN A . n 
A 1 6  ARG 6  6  6  ARG ARG A . n 
A 1 7  PHE 7  7  7  PHE PHE A . n 
A 1 8  LEU 8  8  8  LEU LEU A . n 
A 1 9  SER 9  9  9  SER SER A . n 
A 1 10 GLU 10 10 10 GLU GLU A . n 
A 1 11 TYR 11 11 11 TYR TYR A . n 
A 1 12 GLN 12 12 12 GLN GLN A . n 
A 1 13 SER 13 13 13 SER SER A . n 
A 1 14 ASN 14 14 14 ASN ASN A . n 
A 1 15 PHE 15 15 15 PHE PHE A . n 
A 1 16 LEU 16 16 16 LEU LEU A . n 
A 1 17 GLY 17 17 17 GLY GLY A . n 
A 1 18 GLY 18 18 18 GLY GLY A . n 
A 1 19 GLY 19 19 19 GLY GLY A . n 
A 1 20 TYR 20 20 20 TYR TYR A . n 
# 
_exptl.absorpt_coefficient_mu     ? 
_exptl.absorpt_correction_T_max   ? 
_exptl.absorpt_correction_T_min   ? 
_exptl.absorpt_correction_type    ? 
_exptl.absorpt_process_details    ? 
_exptl.crystals_number            ? 
_exptl.details                    ? 
_exptl.entry_id                   2MTY 
_exptl.method                     'SOLUTION NMR' 
_exptl.method_details             ? 
# 
_struct.entry_id                  2MTY 
_struct.title                     
'3D structure determination of STARP peptides implicated in P. falciparum Invasion of hepatic cells' 
_struct.pdbx_model_details        'lowest energy, model34' 
_struct.pdbx_CASP_flag            ? 
_struct.pdbx_model_type_details   ? 
# 
_struct_keywords.entry_id        2MTY 
_struct_keywords.pdbx_keywords   'PEPTIDE BINDING' 
_struct_keywords.text            'STARP, Sporozoite, Malaria Vaccine, PEPTIDE BINDING' 
# 
_struct_asym.id                            A 
_struct_asym.pdbx_blank_PDB_chainid_flag   N 
_struct_asym.pdbx_modified                 N 
_struct_asym.entity_id                     1 
_struct_asym.details                       ? 
# 
_struct_ref.id                         1 
_struct_ref.db_name                    UNP 
_struct_ref.db_code                    Q9U3Y8_PLAFA 
_struct_ref.pdbx_db_accession          Q9U3Y8 
_struct_ref.entity_id                  1 
_struct_ref.pdbx_seq_one_letter_code   VIKHNRFLSEYQSNFLGGGY 
_struct_ref.pdbx_align_begin           41 
_struct_ref.pdbx_db_isoform            ? 
# 
_struct_ref_seq.align_id                      1 
_struct_ref_seq.ref_id                        1 
_struct_ref_seq.pdbx_PDB_id_code              2MTY 
_struct_ref_seq.pdbx_strand_id                A 
_struct_ref_seq.seq_align_beg                 1 
_struct_ref_seq.pdbx_seq_align_beg_ins_code   ? 
_struct_ref_seq.seq_align_end                 20 
_struct_ref_seq.pdbx_seq_align_end_ins_code   ? 
_struct_ref_seq.pdbx_db_accession             Q9U3Y8 
_struct_ref_seq.db_align_beg                  41 
_struct_ref_seq.pdbx_db_align_beg_ins_code    ? 
_struct_ref_seq.db_align_end                  60 
_struct_ref_seq.pdbx_db_align_end_ins_code    ? 
_struct_ref_seq.pdbx_auth_seq_align_beg       1 
_struct_ref_seq.pdbx_auth_seq_align_end       20 
# 
_pdbx_struct_assembly.id                   1 
_pdbx_struct_assembly.details              author_defined_assembly 
_pdbx_struct_assembly.method_details       ? 
_pdbx_struct_assembly.oligomeric_details   monomeric 
_pdbx_struct_assembly.oligomeric_count     1 
# 
_pdbx_struct_assembly_gen.assembly_id       1 
_pdbx_struct_assembly_gen.oper_expression   1 
_pdbx_struct_assembly_gen.asym_id_list      A 
# 
_pdbx_struct_oper_list.id                   1 
_pdbx_struct_oper_list.type                 'identity operation' 
_pdbx_struct_oper_list.name                 1_555 
_pdbx_struct_oper_list.symmetry_operation   x,y,z 
_pdbx_struct_oper_list.matrix[1][1]         1.0000000000 
_pdbx_struct_oper_list.matrix[1][2]         0.0000000000 
_pdbx_struct_oper_list.matrix[1][3]         0.0000000000 
_pdbx_struct_oper_list.vector[1]            0.0000000000 
_pdbx_struct_oper_list.matrix[2][1]         0.0000000000 
_pdbx_struct_oper_list.matrix[2][2]         1.0000000000 
_pdbx_struct_oper_list.matrix[2][3]         0.0000000000 
_pdbx_struct_oper_list.vector[2]            0.0000000000 
_pdbx_struct_oper_list.matrix[3][1]         0.0000000000 
_pdbx_struct_oper_list.matrix[3][2]         0.0000000000 
_pdbx_struct_oper_list.matrix[3][3]         1.0000000000 
_pdbx_struct_oper_list.vector[3]            0.0000000000 
# 
_struct_biol.id        1 
_struct_biol.details   ? 
# 
loop_
_struct_conf.conf_type_id 
_struct_conf.id 
_struct_conf.pdbx_PDB_helix_id 
_struct_conf.beg_label_comp_id 
_struct_conf.beg_label_asym_id 
_struct_conf.beg_label_seq_id 
_struct_conf.pdbx_beg_PDB_ins_code 
_struct_conf.end_label_comp_id 
_struct_conf.end_label_asym_id 
_struct_conf.end_label_seq_id 
_struct_conf.pdbx_end_PDB_ins_code 
_struct_conf.beg_auth_comp_id 
_struct_conf.beg_auth_asym_id 
_struct_conf.beg_auth_seq_id 
_struct_conf.end_auth_comp_id 
_struct_conf.end_auth_asym_id 
_struct_conf.end_auth_seq_id 
_struct_conf.pdbx_PDB_helix_class 
_struct_conf.details 
_struct_conf.pdbx_PDB_helix_length 
HELX_P HELX_P1 1 ILE A 2 ? PHE A 7  ? ILE A 2 PHE A 7  5 ? 6  
HELX_P HELX_P2 2 LEU A 8 ? GLY A 17 ? LEU A 8 GLY A 17 1 ? 10 
# 
_struct_conf_type.id          HELX_P 
_struct_conf_type.criteria    ? 
_struct_conf_type.reference   ? 
# 
loop_
_pdbx_validate_rmsd_bond.id 
_pdbx_validate_rmsd_bond.PDB_model_num 
_pdbx_validate_rmsd_bond.auth_atom_id_1 
_pdbx_validate_rmsd_bond.auth_asym_id_1 
_pdbx_validate_rmsd_bond.auth_comp_id_1 
_pdbx_validate_rmsd_bond.auth_seq_id_1 
_pdbx_validate_rmsd_bond.PDB_ins_code_1 
_pdbx_validate_rmsd_bond.label_alt_id_1 
_pdbx_validate_rmsd_bond.auth_atom_id_2 
_pdbx_validate_rmsd_bond.auth_asym_id_2 
_pdbx_validate_rmsd_bond.auth_comp_id_2 
_pdbx_validate_rmsd_bond.auth_seq_id_2 
_pdbx_validate_rmsd_bond.PDB_ins_code_2 
_pdbx_validate_rmsd_bond.label_alt_id_2 
_pdbx_validate_rmsd_bond.bond_value 
_pdbx_validate_rmsd_bond.bond_target_value 
_pdbx_validate_rmsd_bond.bond_deviation 
_pdbx_validate_rmsd_bond.bond_standard_deviation 
_pdbx_validate_rmsd_bond.linker_flag 
1 1 CG A HIS 4  ? ? CD2 A HIS 4  ? ? 1.411 1.354 0.057 0.009 N 
2 1 CD A GLU 10 ? ? OE2 A GLU 10 ? ? 1.371 1.252 0.119 0.011 N 
# 
loop_
_pdbx_validate_rmsd_angle.id 
_pdbx_validate_rmsd_angle.PDB_model_num 
_pdbx_validate_rmsd_angle.auth_atom_id_1 
_pdbx_validate_rmsd_angle.auth_asym_id_1 
_pdbx_validate_rmsd_angle.auth_comp_id_1 
_pdbx_validate_rmsd_angle.auth_seq_id_1 
_pdbx_validate_rmsd_angle.PDB_ins_code_1 
_pdbx_validate_rmsd_angle.label_alt_id_1 
_pdbx_validate_rmsd_angle.auth_atom_id_2 
_pdbx_validate_rmsd_angle.auth_asym_id_2 
_pdbx_validate_rmsd_angle.auth_comp_id_2 
_pdbx_validate_rmsd_angle.auth_seq_id_2 
_pdbx_validate_rmsd_angle.PDB_ins_code_2 
_pdbx_validate_rmsd_angle.label_alt_id_2 
_pdbx_validate_rmsd_angle.auth_atom_id_3 
_pdbx_validate_rmsd_angle.auth_asym_id_3 
_pdbx_validate_rmsd_angle.auth_comp_id_3 
_pdbx_validate_rmsd_angle.auth_seq_id_3 
_pdbx_validate_rmsd_angle.PDB_ins_code_3 
_pdbx_validate_rmsd_angle.label_alt_id_3 
_pdbx_validate_rmsd_angle.angle_value 
_pdbx_validate_rmsd_angle.angle_target_value 
_pdbx_validate_rmsd_angle.angle_deviation 
_pdbx_validate_rmsd_angle.angle_standard_deviation 
_pdbx_validate_rmsd_angle.linker_flag 
1 1 CB  A HIS 4  ? ? CG  A HIS 4  ? ? CD2 A HIS 4  ? ? 116.37 129.70 -13.33 1.60 N 
2 1 ND1 A HIS 4  ? ? CE1 A HIS 4  ? ? NE2 A HIS 4  ? ? 120.39 111.50 8.89   1.30 N 
3 1 NE  A ARG 6  ? ? CZ  A ARG 6  ? ? NH1 A ARG 6  ? ? 124.05 120.30 3.75   0.50 N 
4 1 CB  A LEU 16 ? ? CG  A LEU 16 ? ? CD2 A LEU 16 ? ? 121.96 111.00 10.96  1.70 N 
# 
loop_
_pdbx_validate_torsion.id 
_pdbx_validate_torsion.PDB_model_num 
_pdbx_validate_torsion.auth_comp_id 
_pdbx_validate_torsion.auth_asym_id 
_pdbx_validate_torsion.auth_seq_id 
_pdbx_validate_torsion.PDB_ins_code 
_pdbx_validate_torsion.label_alt_id 
_pdbx_validate_torsion.phi 
_pdbx_validate_torsion.psi 
1 1 ASN A 5 ? ? 39.94   41.81  
2 1 PHE A 7 ? ? -120.65 -55.07 
3 1 SER A 9 ? ? 70.57   48.66  
# 
_pdbx_validate_planes.id              1 
_pdbx_validate_planes.PDB_model_num   1 
_pdbx_validate_planes.auth_comp_id    HIS 
_pdbx_validate_planes.auth_asym_id    A 
_pdbx_validate_planes.auth_seq_id     4 
_pdbx_validate_planes.PDB_ins_code    ? 
_pdbx_validate_planes.label_alt_id    ? 
_pdbx_validate_planes.rmsd            0.291 
_pdbx_validate_planes.type            'SIDE CHAIN' 
# 
_pdbx_nmr_ensemble.average_constraint_violations_per_residue     ? 
_pdbx_nmr_ensemble.average_constraints_per_residue               ? 
_pdbx_nmr_ensemble.average_distance_constraint_violation         ? 
_pdbx_nmr_ensemble.average_torsion_angle_constraint_violation    ? 
_pdbx_nmr_ensemble.conformer_selection_criteria                  'structures with the lowest energy' 
_pdbx_nmr_ensemble.conformers_calculated_total_number            50 
_pdbx_nmr_ensemble.conformers_submitted_total_number             1 
_pdbx_nmr_ensemble.distance_constraint_violation_method          ? 
_pdbx_nmr_ensemble.entry_id                                      2MTY 
_pdbx_nmr_ensemble.maximum_distance_constraint_violation         ? 
_pdbx_nmr_ensemble.maximum_lower_distance_constraint_violation   ? 
_pdbx_nmr_ensemble.maximum_torsion_angle_constraint_violation    ? 
_pdbx_nmr_ensemble.maximum_upper_distance_constraint_violation   ? 
_pdbx_nmr_ensemble.representative_conformer                      34 
_pdbx_nmr_ensemble.torsion_angle_constraint_violation_method     ? 
# 
_pdbx_nmr_representative.conformer_id         1 
_pdbx_nmr_representative.entry_id             2MTY 
_pdbx_nmr_representative.selection_criteria   'lowest energy' 
# 
_pdbx_nmr_sample_details.contents         '8 mM protein, trifluoroethanol/water' 
_pdbx_nmr_sample_details.solution_id      1 
_pdbx_nmr_sample_details.solvent_system   trifluoroethanol/water 
# 
_pdbx_nmr_exptl_sample.component             entity-1 
_pdbx_nmr_exptl_sample.concentration         8 
_pdbx_nmr_exptl_sample.concentration_range   ? 
_pdbx_nmr_exptl_sample.concentration_units   mM 
_pdbx_nmr_exptl_sample.isotopic_labeling     ? 
_pdbx_nmr_exptl_sample.solution_id           1 
# 
_pdbx_nmr_exptl_sample_conditions.conditions_id       1 
_pdbx_nmr_exptl_sample_conditions.ionic_strength      ? 
_pdbx_nmr_exptl_sample_conditions.pH                  3.9 
_pdbx_nmr_exptl_sample_conditions.pressure            ambient 
_pdbx_nmr_exptl_sample_conditions.pressure_units      ? 
_pdbx_nmr_exptl_sample_conditions.temperature         295 
_pdbx_nmr_exptl_sample_conditions.temperature_units   K 
# 
loop_
_pdbx_nmr_exptl.conditions_id 
_pdbx_nmr_exptl.experiment_id 
_pdbx_nmr_exptl.solution_id 
_pdbx_nmr_exptl.type 
1 1 1 '2D DQF-COSY'    
1 2 1 '2D 1H-1H TOCSY' 
1 3 1 '2D 1H-1H NOESY' 
# 
_pdbx_nmr_refine.entry_id           2MTY 
_pdbx_nmr_refine.method             'distance geometry, simulated annealing' 
_pdbx_nmr_refine.details            ? 
_pdbx_nmr_refine.software_ordinal   1 
# 
loop_
_pdbx_nmr_software.authors 
_pdbx_nmr_software.classification 
_pdbx_nmr_software.name 
_pdbx_nmr_software.ordinal 
_pdbx_nmr_software.version 
'Accelrys Software Inc.' 'geometry optimization' 'Insight II' 1 ? 
'Accelrys Software Inc.' refinement              'Insight II' 2 ? 
# 
loop_
_chem_comp_atom.comp_id 
_chem_comp_atom.atom_id 
_chem_comp_atom.type_symbol 
_chem_comp_atom.pdbx_aromatic_flag 
_chem_comp_atom.pdbx_stereo_config 
_chem_comp_atom.pdbx_ordinal 
ARG N    N N N 1   
ARG CA   C N S 2   
ARG C    C N N 3   
ARG O    O N N 4   
ARG CB   C N N 5   
ARG CG   C N N 6   
ARG CD   C N N 7   
ARG NE   N N N 8   
ARG CZ   C N N 9   
ARG NH1  N N N 10  
ARG NH2  N N N 11  
ARG OXT  O N N 12  
ARG H    H N N 13  
ARG H2   H N N 14  
ARG HA   H N N 15  
ARG HB2  H N N 16  
ARG HB3  H N N 17  
ARG HG2  H N N 18  
ARG HG3  H N N 19  
ARG HD2  H N N 20  
ARG HD3  H N N 21  
ARG HE   H N N 22  
ARG HH11 H N N 23  
ARG HH12 H N N 24  
ARG HH21 H N N 25  
ARG HH22 H N N 26  
ARG HXT  H N N 27  
ASN N    N N N 28  
ASN CA   C N S 29  
ASN C    C N N 30  
ASN O    O N N 31  
ASN CB   C N N 32  
ASN CG   C N N 33  
ASN OD1  O N N 34  
ASN ND2  N N N 35  
ASN OXT  O N N 36  
ASN H    H N N 37  
ASN H2   H N N 38  
ASN HA   H N N 39  
ASN HB2  H N N 40  
ASN HB3  H N N 41  
ASN HD21 H N N 42  
ASN HD22 H N N 43  
ASN HXT  H N N 44  
GLN N    N N N 45  
GLN CA   C N S 46  
GLN C    C N N 47  
GLN O    O N N 48  
GLN CB   C N N 49  
GLN CG   C N N 50  
GLN CD   C N N 51  
GLN OE1  O N N 52  
GLN NE2  N N N 53  
GLN OXT  O N N 54  
GLN H    H N N 55  
GLN H2   H N N 56  
GLN HA   H N N 57  
GLN HB2  H N N 58  
GLN HB3  H N N 59  
GLN HG2  H N N 60  
GLN HG3  H N N 61  
GLN HE21 H N N 62  
GLN HE22 H N N 63  
GLN HXT  H N N 64  
GLU N    N N N 65  
GLU CA   C N S 66  
GLU C    C N N 67  
GLU O    O N N 68  
GLU CB   C N N 69  
GLU CG   C N N 70  
GLU CD   C N N 71  
GLU OE1  O N N 72  
GLU OE2  O N N 73  
GLU OXT  O N N 74  
GLU H    H N N 75  
GLU H2   H N N 76  
GLU HA   H N N 77  
GLU HB2  H N N 78  
GLU HB3  H N N 79  
GLU HG2  H N N 80  
GLU HG3  H N N 81  
GLU HE2  H N N 82  
GLU HXT  H N N 83  
GLY N    N N N 84  
GLY CA   C N N 85  
GLY C    C N N 86  
GLY O    O N N 87  
GLY OXT  O N N 88  
GLY H    H N N 89  
GLY H2   H N N 90  
GLY HA2  H N N 91  
GLY HA3  H N N 92  
GLY HXT  H N N 93  
HIS N    N N N 94  
HIS CA   C N S 95  
HIS C    C N N 96  
HIS O    O N N 97  
HIS CB   C N N 98  
HIS CG   C Y N 99  
HIS ND1  N Y N 100 
HIS CD2  C Y N 101 
HIS CE1  C Y N 102 
HIS NE2  N Y N 103 
HIS OXT  O N N 104 
HIS H    H N N 105 
HIS H2   H N N 106 
HIS HA   H N N 107 
HIS HB2  H N N 108 
HIS HB3  H N N 109 
HIS HD1  H N N 110 
HIS HD2  H N N 111 
HIS HE1  H N N 112 
HIS HE2  H N N 113 
HIS HXT  H N N 114 
ILE N    N N N 115 
ILE CA   C N S 116 
ILE C    C N N 117 
ILE O    O N N 118 
ILE CB   C N S 119 
ILE CG1  C N N 120 
ILE CG2  C N N 121 
ILE CD1  C N N 122 
ILE OXT  O N N 123 
ILE H    H N N 124 
ILE H2   H N N 125 
ILE HA   H N N 126 
ILE HB   H N N 127 
ILE HG12 H N N 128 
ILE HG13 H N N 129 
ILE HG21 H N N 130 
ILE HG22 H N N 131 
ILE HG23 H N N 132 
ILE HD11 H N N 133 
ILE HD12 H N N 134 
ILE HD13 H N N 135 
ILE HXT  H N N 136 
LEU N    N N N 137 
LEU CA   C N S 138 
LEU C    C N N 139 
LEU O    O N N 140 
LEU CB   C N N 141 
LEU CG   C N N 142 
LEU CD1  C N N 143 
LEU CD2  C N N 144 
LEU OXT  O N N 145 
LEU H    H N N 146 
LEU H2   H N N 147 
LEU HA   H N N 148 
LEU HB2  H N N 149 
LEU HB3  H N N 150 
LEU HG   H N N 151 
LEU HD11 H N N 152 
LEU HD12 H N N 153 
LEU HD13 H N N 154 
LEU HD21 H N N 155 
LEU HD22 H N N 156 
LEU HD23 H N N 157 
LEU HXT  H N N 158 
LYS N    N N N 159 
LYS CA   C N S 160 
LYS C    C N N 161 
LYS O    O N N 162 
LYS CB   C N N 163 
LYS CG   C N N 164 
LYS CD   C N N 165 
LYS CE   C N N 166 
LYS NZ   N N N 167 
LYS OXT  O N N 168 
LYS H    H N N 169 
LYS H2   H N N 170 
LYS HA   H N N 171 
LYS HB2  H N N 172 
LYS HB3  H N N 173 
LYS HG2  H N N 174 
LYS HG3  H N N 175 
LYS HD2  H N N 176 
LYS HD3  H N N 177 
LYS HE2  H N N 178 
LYS HE3  H N N 179 
LYS HZ1  H N N 180 
LYS HZ2  H N N 181 
LYS HZ3  H N N 182 
LYS HXT  H N N 183 
PHE N    N N N 184 
PHE CA   C N S 185 
PHE C    C N N 186 
PHE O    O N N 187 
PHE CB   C N N 188 
PHE CG   C Y N 189 
PHE CD1  C Y N 190 
PHE CD2  C Y N 191 
PHE CE1  C Y N 192 
PHE CE2  C Y N 193 
PHE CZ   C Y N 194 
PHE OXT  O N N 195 
PHE H    H N N 196 
PHE H2   H N N 197 
PHE HA   H N N 198 
PHE HB2  H N N 199 
PHE HB3  H N N 200 
PHE HD1  H N N 201 
PHE HD2  H N N 202 
PHE HE1  H N N 203 
PHE HE2  H N N 204 
PHE HZ   H N N 205 
PHE HXT  H N N 206 
SER N    N N N 207 
SER CA   C N S 208 
SER C    C N N 209 
SER O    O N N 210 
SER CB   C N N 211 
SER OG   O N N 212 
SER OXT  O N N 213 
SER H    H N N 214 
SER H2   H N N 215 
SER HA   H N N 216 
SER HB2  H N N 217 
SER HB3  H N N 218 
SER HG   H N N 219 
SER HXT  H N N 220 
TYR N    N N N 221 
TYR CA   C N S 222 
TYR C    C N N 223 
TYR O    O N N 224 
TYR CB   C N N 225 
TYR CG   C Y N 226 
TYR CD1  C Y N 227 
TYR CD2  C Y N 228 
TYR CE1  C Y N 229 
TYR CE2  C Y N 230 
TYR CZ   C Y N 231 
TYR OH   O N N 232 
TYR OXT  O N N 233 
TYR H    H N N 234 
TYR H2   H N N 235 
TYR HA   H N N 236 
TYR HB2  H N N 237 
TYR HB3  H N N 238 
TYR HD1  H N N 239 
TYR HD2  H N N 240 
TYR HE1  H N N 241 
TYR HE2  H N N 242 
TYR HH   H N N 243 
TYR HXT  H N N 244 
VAL N    N N N 245 
VAL CA   C N S 246 
VAL C    C N N 247 
VAL O    O N N 248 
VAL CB   C N N 249 
VAL CG1  C N N 250 
VAL CG2  C N N 251 
VAL OXT  O N N 252 
VAL H    H N N 253 
VAL H2   H N N 254 
VAL HA   H N N 255 
VAL HB   H N N 256 
VAL HG11 H N N 257 
VAL HG12 H N N 258 
VAL HG13 H N N 259 
VAL HG21 H N N 260 
VAL HG22 H N N 261 
VAL HG23 H N N 262 
VAL HXT  H N N 263 
# 
loop_
_chem_comp_bond.comp_id 
_chem_comp_bond.atom_id_1 
_chem_comp_bond.atom_id_2 
_chem_comp_bond.value_order 
_chem_comp_bond.pdbx_aromatic_flag 
_chem_comp_bond.pdbx_stereo_config 
_chem_comp_bond.pdbx_ordinal 
ARG N   CA   sing N N 1   
ARG N   H    sing N N 2   
ARG N   H2   sing N N 3   
ARG CA  C    sing N N 4   
ARG CA  CB   sing N N 5   
ARG CA  HA   sing N N 6   
ARG C   O    doub N N 7   
ARG C   OXT  sing N N 8   
ARG CB  CG   sing N N 9   
ARG CB  HB2  sing N N 10  
ARG CB  HB3  sing N N 11  
ARG CG  CD   sing N N 12  
ARG CG  HG2  sing N N 13  
ARG CG  HG3  sing N N 14  
ARG CD  NE   sing N N 15  
ARG CD  HD2  sing N N 16  
ARG CD  HD3  sing N N 17  
ARG NE  CZ   sing N N 18  
ARG NE  HE   sing N N 19  
ARG CZ  NH1  sing N N 20  
ARG CZ  NH2  doub N N 21  
ARG NH1 HH11 sing N N 22  
ARG NH1 HH12 sing N N 23  
ARG NH2 HH21 sing N N 24  
ARG NH2 HH22 sing N N 25  
ARG OXT HXT  sing N N 26  
ASN N   CA   sing N N 27  
ASN N   H    sing N N 28  
ASN N   H2   sing N N 29  
ASN CA  C    sing N N 30  
ASN CA  CB   sing N N 31  
ASN CA  HA   sing N N 32  
ASN C   O    doub N N 33  
ASN C   OXT  sing N N 34  
ASN CB  CG   sing N N 35  
ASN CB  HB2  sing N N 36  
ASN CB  HB3  sing N N 37  
ASN CG  OD1  doub N N 38  
ASN CG  ND2  sing N N 39  
ASN ND2 HD21 sing N N 40  
ASN ND2 HD22 sing N N 41  
ASN OXT HXT  sing N N 42  
GLN N   CA   sing N N 43  
GLN N   H    sing N N 44  
GLN N   H2   sing N N 45  
GLN CA  C    sing N N 46  
GLN CA  CB   sing N N 47  
GLN CA  HA   sing N N 48  
GLN C   O    doub N N 49  
GLN C   OXT  sing N N 50  
GLN CB  CG   sing N N 51  
GLN CB  HB2  sing N N 52  
GLN CB  HB3  sing N N 53  
GLN CG  CD   sing N N 54  
GLN CG  HG2  sing N N 55  
GLN CG  HG3  sing N N 56  
GLN CD  OE1  doub N N 57  
GLN CD  NE2  sing N N 58  
GLN NE2 HE21 sing N N 59  
GLN NE2 HE22 sing N N 60  
GLN OXT HXT  sing N N 61  
GLU N   CA   sing N N 62  
GLU N   H    sing N N 63  
GLU N   H2   sing N N 64  
GLU CA  C    sing N N 65  
GLU CA  CB   sing N N 66  
GLU CA  HA   sing N N 67  
GLU C   O    doub N N 68  
GLU C   OXT  sing N N 69  
GLU CB  CG   sing N N 70  
GLU CB  HB2  sing N N 71  
GLU CB  HB3  sing N N 72  
GLU CG  CD   sing N N 73  
GLU CG  HG2  sing N N 74  
GLU CG  HG3  sing N N 75  
GLU CD  OE1  doub N N 76  
GLU CD  OE2  sing N N 77  
GLU OE2 HE2  sing N N 78  
GLU OXT HXT  sing N N 79  
GLY N   CA   sing N N 80  
GLY N   H    sing N N 81  
GLY N   H2   sing N N 82  
GLY CA  C    sing N N 83  
GLY CA  HA2  sing N N 84  
GLY CA  HA3  sing N N 85  
GLY C   O    doub N N 86  
GLY C   OXT  sing N N 87  
GLY OXT HXT  sing N N 88  
HIS N   CA   sing N N 89  
HIS N   H    sing N N 90  
HIS N   H2   sing N N 91  
HIS CA  C    sing N N 92  
HIS CA  CB   sing N N 93  
HIS CA  HA   sing N N 94  
HIS C   O    doub N N 95  
HIS C   OXT  sing N N 96  
HIS CB  CG   sing N N 97  
HIS CB  HB2  sing N N 98  
HIS CB  HB3  sing N N 99  
HIS CG  ND1  sing Y N 100 
HIS CG  CD2  doub Y N 101 
HIS ND1 CE1  doub Y N 102 
HIS ND1 HD1  sing N N 103 
HIS CD2 NE2  sing Y N 104 
HIS CD2 HD2  sing N N 105 
HIS CE1 NE2  sing Y N 106 
HIS CE1 HE1  sing N N 107 
HIS NE2 HE2  sing N N 108 
HIS OXT HXT  sing N N 109 
ILE N   CA   sing N N 110 
ILE N   H    sing N N 111 
ILE N   H2   sing N N 112 
ILE CA  C    sing N N 113 
ILE CA  CB   sing N N 114 
ILE CA  HA   sing N N 115 
ILE C   O    doub N N 116 
ILE C   OXT  sing N N 117 
ILE CB  CG1  sing N N 118 
ILE CB  CG2  sing N N 119 
ILE CB  HB   sing N N 120 
ILE CG1 CD1  sing N N 121 
ILE CG1 HG12 sing N N 122 
ILE CG1 HG13 sing N N 123 
ILE CG2 HG21 sing N N 124 
ILE CG2 HG22 sing N N 125 
ILE CG2 HG23 sing N N 126 
ILE CD1 HD11 sing N N 127 
ILE CD1 HD12 sing N N 128 
ILE CD1 HD13 sing N N 129 
ILE OXT HXT  sing N N 130 
LEU N   CA   sing N N 131 
LEU N   H    sing N N 132 
LEU N   H2   sing N N 133 
LEU CA  C    sing N N 134 
LEU CA  CB   sing N N 135 
LEU CA  HA   sing N N 136 
LEU C   O    doub N N 137 
LEU C   OXT  sing N N 138 
LEU CB  CG   sing N N 139 
LEU CB  HB2  sing N N 140 
LEU CB  HB3  sing N N 141 
LEU CG  CD1  sing N N 142 
LEU CG  CD2  sing N N 143 
LEU CG  HG   sing N N 144 
LEU CD1 HD11 sing N N 145 
LEU CD1 HD12 sing N N 146 
LEU CD1 HD13 sing N N 147 
LEU CD2 HD21 sing N N 148 
LEU CD2 HD22 sing N N 149 
LEU CD2 HD23 sing N N 150 
LEU OXT HXT  sing N N 151 
LYS N   CA   sing N N 152 
LYS N   H    sing N N 153 
LYS N   H2   sing N N 154 
LYS CA  C    sing N N 155 
LYS CA  CB   sing N N 156 
LYS CA  HA   sing N N 157 
LYS C   O    doub N N 158 
LYS C   OXT  sing N N 159 
LYS CB  CG   sing N N 160 
LYS CB  HB2  sing N N 161 
LYS CB  HB3  sing N N 162 
LYS CG  CD   sing N N 163 
LYS CG  HG2  sing N N 164 
LYS CG  HG3  sing N N 165 
LYS CD  CE   sing N N 166 
LYS CD  HD2  sing N N 167 
LYS CD  HD3  sing N N 168 
LYS CE  NZ   sing N N 169 
LYS CE  HE2  sing N N 170 
LYS CE  HE3  sing N N 171 
LYS NZ  HZ1  sing N N 172 
LYS NZ  HZ2  sing N N 173 
LYS NZ  HZ3  sing N N 174 
LYS OXT HXT  sing N N 175 
PHE N   CA   sing N N 176 
PHE N   H    sing N N 177 
PHE N   H2   sing N N 178 
PHE CA  C    sing N N 179 
PHE CA  CB   sing N N 180 
PHE CA  HA   sing N N 181 
PHE C   O    doub N N 182 
PHE C   OXT  sing N N 183 
PHE CB  CG   sing N N 184 
PHE CB  HB2  sing N N 185 
PHE CB  HB3  sing N N 186 
PHE CG  CD1  doub Y N 187 
PHE CG  CD2  sing Y N 188 
PHE CD1 CE1  sing Y N 189 
PHE CD1 HD1  sing N N 190 
PHE CD2 CE2  doub Y N 191 
PHE CD2 HD2  sing N N 192 
PHE CE1 CZ   doub Y N 193 
PHE CE1 HE1  sing N N 194 
PHE CE2 CZ   sing Y N 195 
PHE CE2 HE2  sing N N 196 
PHE CZ  HZ   sing N N 197 
PHE OXT HXT  sing N N 198 
SER N   CA   sing N N 199 
SER N   H    sing N N 200 
SER N   H2   sing N N 201 
SER CA  C    sing N N 202 
SER CA  CB   sing N N 203 
SER CA  HA   sing N N 204 
SER C   O    doub N N 205 
SER C   OXT  sing N N 206 
SER CB  OG   sing N N 207 
SER CB  HB2  sing N N 208 
SER CB  HB3  sing N N 209 
SER OG  HG   sing N N 210 
SER OXT HXT  sing N N 211 
TYR N   CA   sing N N 212 
TYR N   H    sing N N 213 
TYR N   H2   sing N N 214 
TYR CA  C    sing N N 215 
TYR CA  CB   sing N N 216 
TYR CA  HA   sing N N 217 
TYR C   O    doub N N 218 
TYR C   OXT  sing N N 219 
TYR CB  CG   sing N N 220 
TYR CB  HB2  sing N N 221 
TYR CB  HB3  sing N N 222 
TYR CG  CD1  doub Y N 223 
TYR CG  CD2  sing Y N 224 
TYR CD1 CE1  sing Y N 225 
TYR CD1 HD1  sing N N 226 
TYR CD2 CE2  doub Y N 227 
TYR CD2 HD2  sing N N 228 
TYR CE1 CZ   doub Y N 229 
TYR CE1 HE1  sing N N 230 
TYR CE2 CZ   sing Y N 231 
TYR CE2 HE2  sing N N 232 
TYR CZ  OH   sing N N 233 
TYR OH  HH   sing N N 234 
TYR OXT HXT  sing N N 235 
VAL N   CA   sing N N 236 
VAL N   H    sing N N 237 
VAL N   H2   sing N N 238 
VAL CA  C    sing N N 239 
VAL CA  CB   sing N N 240 
VAL CA  HA   sing N N 241 
VAL C   O    doub N N 242 
VAL C   OXT  sing N N 243 
VAL CB  CG1  sing N N 244 
VAL CB  CG2  sing N N 245 
VAL CB  HB   sing N N 246 
VAL CG1 HG11 sing N N 247 
VAL CG1 HG12 sing N N 248 
VAL CG1 HG13 sing N N 249 
VAL CG2 HG21 sing N N 250 
VAL CG2 HG22 sing N N 251 
VAL CG2 HG23 sing N N 252 
VAL OXT HXT  sing N N 253 
# 
_pdbx_nmr_spectrometer.field_strength    600 
_pdbx_nmr_spectrometer.manufacturer      Bruker 
_pdbx_nmr_spectrometer.model             DRX 
_pdbx_nmr_spectrometer.spectrometer_id   1 
_pdbx_nmr_spectrometer.type              'Bruker DRX' 
# 
_atom_sites.entry_id                    2MTY 
_atom_sites.fract_transf_matrix[1][1]   1.000000 
_atom_sites.fract_transf_matrix[1][2]   0.000000 
_atom_sites.fract_transf_matrix[1][3]   0.000000 
_atom_sites.fract_transf_matrix[2][1]   0.000000 
_atom_sites.fract_transf_matrix[2][2]   1.000000 
_atom_sites.fract_transf_matrix[2][3]   0.000000 
_atom_sites.fract_transf_matrix[3][1]   0.000000 
_atom_sites.fract_transf_matrix[3][2]   0.000000 
_atom_sites.fract_transf_matrix[3][3]   1.000000 
_atom_sites.fract_transf_vector[1]      0.00000 
_atom_sites.fract_transf_vector[2]      0.00000 
_atom_sites.fract_transf_vector[3]      0.00000 
# 
loop_
_atom_type.symbol 
C 
H 
N 
O 
# 
loop_
_atom_site.group_PDB 
_atom_site.id 
_atom_site.type_symbol 
_atom_site.label_atom_id 
_atom_site.label_alt_id 
_atom_site.label_comp_id 
_atom_site.label_asym_id 
_atom_site.label_entity_id 
_atom_site.label_seq_id 
_atom_site.pdbx_PDB_ins_code 
_atom_site.Cartn_x 
_atom_site.Cartn_y 
_atom_site.Cartn_z 
_atom_site.occupancy 
_atom_site.B_iso_or_equiv 
_atom_site.pdbx_formal_charge 
_atom_site.auth_seq_id 
_atom_site.auth_comp_id 
_atom_site.auth_asym_id 
_atom_site.auth_atom_id 
_atom_site.pdbx_PDB_model_num 
ATOM 1   N N    . VAL A 1 1  ? -11.108 -5.398  -6.249  1.00 0.00 ? 1  VAL A N    1 
ATOM 2   C CA   . VAL A 1 1  ? -10.202 -4.765  -5.254  1.00 0.00 ? 1  VAL A CA   1 
ATOM 3   C C    . VAL A 1 1  ? -9.778  -3.352  -5.749  1.00 0.00 ? 1  VAL A C    1 
ATOM 4   O O    . VAL A 1 1  ? -9.358  -3.176  -6.899  1.00 0.00 ? 1  VAL A O    1 
ATOM 5   C CB   . VAL A 1 1  ? -8.987  -5.657  -4.833  1.00 0.00 ? 1  VAL A CB   1 
ATOM 6   C CG1  . VAL A 1 1  ? -9.417  -6.910  -4.034  1.00 0.00 ? 1  VAL A CG1  1 
ATOM 7   C CG2  . VAL A 1 1  ? -8.052  -6.070  -5.988  1.00 0.00 ? 1  VAL A CG2  1 
ATOM 8   H H1   . VAL A 1 1  ? -11.467 -6.286  -5.882  1.00 0.00 ? 1  VAL A H1   1 
ATOM 9   H H2   . VAL A 1 1  ? -11.931 -4.806  -6.399  1.00 0.00 ? 1  VAL A H2   1 
ATOM 10  H HA   . VAL A 1 1  ? -10.806 -4.642  -4.340  1.00 0.00 ? 1  VAL A HA   1 
ATOM 11  H HB   . VAL A 1 1  ? -8.375  -5.055  -4.134  1.00 0.00 ? 1  VAL A HB   1 
ATOM 12  H HG11 . VAL A 1 1  ? -10.017 -7.609  -4.646  1.00 0.00 ? 1  VAL A HG11 1 
ATOM 13  H HG12 . VAL A 1 1  ? -10.027 -6.639  -3.152  1.00 0.00 ? 1  VAL A HG12 1 
ATOM 14  H HG13 . VAL A 1 1  ? -8.543  -7.473  -3.655  1.00 0.00 ? 1  VAL A HG13 1 
ATOM 15  H HG21 . VAL A 1 1  ? -8.575  -6.700  -6.730  1.00 0.00 ? 1  VAL A HG21 1 
ATOM 16  H HG22 . VAL A 1 1  ? -7.179  -6.636  -5.617  1.00 0.00 ? 1  VAL A HG22 1 
ATOM 17  H HG23 . VAL A 1 1  ? -7.661  -5.185  -6.520  1.00 0.00 ? 1  VAL A HG23 1 
ATOM 18  N N    . ILE A 1 2  ? -9.845  -2.354  -4.849  1.00 0.00 ? 2  ILE A N    1 
ATOM 19  C CA   . ILE A 1 2  ? -9.597  -0.927  -5.172  1.00 0.00 ? 2  ILE A CA   1 
ATOM 20  C C    . ILE A 1 2  ? -8.099  -0.610  -5.400  1.00 0.00 ? 2  ILE A C    1 
ATOM 21  O O    . ILE A 1 2  ? -7.748  -0.006  -6.418  1.00 0.00 ? 2  ILE A O    1 
ATOM 22  C CB   . ILE A 1 2  ? -10.362 -0.053  -4.144  1.00 0.00 ? 2  ILE A CB   1 
ATOM 23  C CG1  . ILE A 1 2  ? -11.861 -0.429  -4.280  1.00 0.00 ? 2  ILE A CG1  1 
ATOM 24  C CG2  . ILE A 1 2  ? -10.090 1.472   -4.302  1.00 0.00 ? 2  ILE A CG2  1 
ATOM 25  C CD1  . ILE A 1 2  ? -12.778 0.285   -3.382  1.00 0.00 ? 2  ILE A CD1  1 
ATOM 26  H H    . ILE A 1 2  ? -10.532 -2.411  -4.083  1.00 0.00 ? 2  ILE A H    1 
ATOM 27  H HA   . ILE A 1 2  ? -10.195 -0.605  -6.020  1.00 0.00 ? 2  ILE A HA   1 
ATOM 28  H HB   . ILE A 1 2  ? -10.096 -0.339  -3.133  1.00 0.00 ? 2  ILE A HB   1 
ATOM 29  H HG12 . ILE A 1 2  ? -12.160 -0.300  -5.318  1.00 0.00 ? 2  ILE A HG12 1 
ATOM 30  H HG13 . ILE A 1 2  ? -12.038 -1.501  -4.059  1.00 0.00 ? 2  ILE A HG13 1 
ATOM 31  H HG21 . ILE A 1 2  ? -10.410 1.851   -5.291  1.00 0.00 ? 2  ILE A HG21 1 
ATOM 32  H HG22 . ILE A 1 2  ? -9.018  1.713   -4.193  1.00 0.00 ? 2  ILE A HG22 1 
ATOM 33  H HG23 . ILE A 1 2  ? -10.608 2.071   -3.531  1.00 0.00 ? 2  ILE A HG23 1 
ATOM 34  H HD11 . ILE A 1 2  ? -13.755 -0.191  -3.539  1.00 0.00 ? 2  ILE A HD11 1 
ATOM 35  H HD12 . ILE A 1 2  ? -12.376 0.124   -2.368  1.00 0.00 ? 2  ILE A HD12 1 
ATOM 36  H HD13 . ILE A 1 2  ? -12.757 1.336   -3.700  1.00 0.00 ? 2  ILE A HD13 1 
ATOM 37  N N    . LYS A 1 3  ? -7.243  -1.035  -4.451  1.00 0.00 ? 3  LYS A N    1 
ATOM 38  C CA   . LYS A 1 3  ? -5.762  -0.808  -4.496  1.00 0.00 ? 3  LYS A CA   1 
ATOM 39  C C    . LYS A 1 3  ? -5.345  0.707   -4.539  1.00 0.00 ? 3  LYS A C    1 
ATOM 40  O O    . LYS A 1 3  ? -4.307  1.080   -5.093  1.00 0.00 ? 3  LYS A O    1 
ATOM 41  C CB   . LYS A 1 3  ? -5.043  -1.721  -5.508  1.00 0.00 ? 3  LYS A CB   1 
ATOM 42  C CG   . LYS A 1 3  ? -5.022  -3.180  -5.041  1.00 0.00 ? 3  LYS A CG   1 
ATOM 43  C CD   . LYS A 1 3  ? -3.977  -4.060  -5.718  1.00 0.00 ? 3  LYS A CD   1 
ATOM 44  C CE   . LYS A 1 3  ? -4.297  -4.455  -7.172  1.00 0.00 ? 3  LYS A CE   1 
ATOM 45  N NZ   . LYS A 1 3  ? -3.245  -5.321  -7.732  1.00 0.00 ? 3  LYS A NZ   1 
ATOM 46  H H    . LYS A 1 3  ? -7.719  -1.546  -3.698  1.00 0.00 ? 3  LYS A H    1 
ATOM 47  H HA   . LYS A 1 3  ? -5.365  -1.205  -3.563  1.00 0.00 ? 3  LYS A HA   1 
ATOM 48  H HB2  . LYS A 1 3  ? -5.550  -1.687  -6.463  1.00 0.00 ? 3  LYS A HB2  1 
ATOM 49  H HB3  . LYS A 1 3  ? -4.002  -1.372  -5.669  1.00 0.00 ? 3  LYS A HB3  1 
ATOM 50  H HG2  . LYS A 1 3  ? -4.761  -3.171  -3.978  1.00 0.00 ? 3  LYS A HG2  1 
ATOM 51  H HG3  . LYS A 1 3  ? -6.042  -3.602  -5.092  1.00 0.00 ? 3  LYS A HG3  1 
ATOM 52  H HD2  . LYS A 1 3  ? -3.009  -3.525  -5.645  1.00 0.00 ? 3  LYS A HD2  1 
ATOM 53  H HD3  . LYS A 1 3  ? -3.879  -4.956  -5.082  1.00 0.00 ? 3  LYS A HD3  1 
ATOM 54  H HE2  . LYS A 1 3  ? -5.266  -4.983  -7.223  1.00 0.00 ? 3  LYS A HE2  1 
ATOM 55  H HE3  . LYS A 1 3  ? -4.398  -3.555  -7.805  1.00 0.00 ? 3  LYS A HE3  1 
ATOM 56  H HZ1  . LYS A 1 3  ? -2.351  -4.819  -7.754  1.00 0.00 ? 3  LYS A HZ1  1 
ATOM 57  H HZ2  . LYS A 1 3  ? -3.460  -5.546  -8.710  1.00 0.00 ? 3  LYS A HZ2  1 
ATOM 58  N N    . HIS A 1 4  ? -6.189  1.567   -3.927  1.00 0.00 ? 4  HIS A N    1 
ATOM 59  C CA   . HIS A 1 4  ? -6.063  3.021   -3.808  1.00 0.00 ? 4  HIS A CA   1 
ATOM 60  C C    . HIS A 1 4  ? -5.791  3.834   -5.090  1.00 0.00 ? 4  HIS A C    1 
ATOM 61  O O    . HIS A 1 4  ? -5.104  4.862   -5.038  1.00 0.00 ? 4  HIS A O    1 
ATOM 62  C CB   . HIS A 1 4  ? -5.270  3.263   -2.506  1.00 0.00 ? 4  HIS A CB   1 
ATOM 63  C CG   . HIS A 1 4  ? -6.085  3.056   -1.201  1.00 0.00 ? 4  HIS A CG   1 
ATOM 64  N ND1  . HIS A 1 4  ? -6.358  1.753   -0.801  1.00 0.00 ? 4  HIS A ND1  1 
ATOM 65  C CD2  . HIS A 1 4  ? -7.239  3.853   -1.050  1.00 0.00 ? 4  HIS A CD2  1 
ATOM 66  C CE1  . HIS A 1 4  ? -7.721  1.841   -0.741  1.00 0.00 ? 4  HIS A CE1  1 
ATOM 67  N NE2  . HIS A 1 4  ? -8.343  3.059   -0.840  1.00 0.00 ? 4  HIS A NE2  1 
ATOM 68  H H    . HIS A 1 4  ? -6.909  1.198   -3.324  1.00 0.00 ? 4  HIS A H    1 
ATOM 69  H HA   . HIS A 1 4  ? -7.059  3.372   -3.549  1.00 0.00 ? 4  HIS A HA   1 
ATOM 70  H HB2  . HIS A 1 4  ? -4.405  2.597   -2.516  1.00 0.00 ? 4  HIS A HB2  1 
ATOM 71  H HB3  . HIS A 1 4  ? -4.910  4.281   -2.540  1.00 0.00 ? 4  HIS A HB3  1 
ATOM 72  H HD2  . HIS A 1 4  ? -7.351  4.731   -1.664  1.00 0.00 ? 4  HIS A HD2  1 
ATOM 73  H HE1  . HIS A 1 4  ? -8.248  0.984   -1.129  1.00 0.00 ? 4  HIS A HE1  1 
ATOM 74  H HE2  . HIS A 1 4  ? -9.138  3.216   -1.469  1.00 0.00 ? 4  HIS A HE2  1 
ATOM 75  N N    . ASN A 1 5  ? -6.431  3.341   -6.194  1.00 0.00 ? 5  ASN A N    1 
ATOM 76  C CA   . ASN A 1 5  ? -6.368  3.905   -7.583  1.00 0.00 ? 5  ASN A CA   1 
ATOM 77  C C    . ASN A 1 5  ? -4.956  4.408   -8.021  1.00 0.00 ? 5  ASN A C    1 
ATOM 78  O O    . ASN A 1 5  ? -4.814  5.445   -8.678  1.00 0.00 ? 5  ASN A O    1 
ATOM 79  C CB   . ASN A 1 5  ? -7.496  4.964   -7.789  1.00 0.00 ? 5  ASN A CB   1 
ATOM 80  C CG   . ASN A 1 5  ? -8.947  4.451   -7.650  1.00 0.00 ? 5  ASN A CG   1 
ATOM 81  O OD1  . ASN A 1 5  ? -9.551  4.529   -6.579  1.00 0.00 ? 5  ASN A OD1  1 
ATOM 82  N ND2  . ASN A 1 5  ? -9.529  3.922   -8.715  1.00 0.00 ? 5  ASN A ND2  1 
ATOM 83  H H    . ASN A 1 5  ? -6.770  2.375   -6.028  1.00 0.00 ? 5  ASN A H    1 
ATOM 84  H HA   . ASN A 1 5  ? -6.596  3.064   -8.266  1.00 0.00 ? 5  ASN A HA   1 
ATOM 85  H HB2  . ASN A 1 5  ? -7.347  5.803   -7.082  1.00 0.00 ? 5  ASN A HB2  1 
ATOM 86  H HB3  . ASN A 1 5  ? -7.387  5.432   -8.788  1.00 0.00 ? 5  ASN A HB3  1 
ATOM 87  H HD21 . ASN A 1 5  ? -8.969  3.887   -9.574  1.00 0.00 ? 5  ASN A HD21 1 
ATOM 88  H HD22 . ASN A 1 5  ? -10.492 3.589   -8.594  1.00 0.00 ? 5  ASN A HD22 1 
ATOM 89  N N    . ARG A 1 6  ? -3.915  3.618   -7.668  1.00 0.00 ? 6  ARG A N    1 
ATOM 90  C CA   . ARG A 1 6  ? -2.486  3.920   -7.962  1.00 0.00 ? 6  ARG A CA   1 
ATOM 91  C C    . ARG A 1 6  ? -2.037  5.324   -7.420  1.00 0.00 ? 6  ARG A C    1 
ATOM 92  O O    . ARG A 1 6  ? -1.255  6.013   -8.081  1.00 0.00 ? 6  ARG A O    1 
ATOM 93  C CB   . ARG A 1 6  ? -2.124  3.686   -9.464  1.00 0.00 ? 6  ARG A CB   1 
ATOM 94  C CG   . ARG A 1 6  ? -2.250  2.193   -9.936  1.00 0.00 ? 6  ARG A CG   1 
ATOM 95  C CD   . ARG A 1 6  ? -3.563  1.921   -10.732 1.00 0.00 ? 6  ARG A CD   1 
ATOM 96  N NE   . ARG A 1 6  ? -3.669  0.505   -11.165 1.00 0.00 ? 6  ARG A NE   1 
ATOM 97  C CZ   . ARG A 1 6  ? -3.220  0.016   -12.339 1.00 0.00 ? 6  ARG A CZ   1 
ATOM 98  N NH1  . ARG A 1 6  ? -2.610  0.749   -13.269 1.00 0.00 ? 6  ARG A NH1  1 
ATOM 99  N NH2  . ARG A 1 6  ? -3.394  -1.271  -12.580 1.00 0.00 ? 6  ARG A NH2  1 
ATOM 100 H H    . ARG A 1 6  ? -4.193  2.826   -7.074  1.00 0.00 ? 6  ARG A H    1 
ATOM 101 H HA   . ARG A 1 6  ? -1.908  3.195   -7.351  1.00 0.00 ? 6  ARG A HA   1 
ATOM 102 H HB2  . ARG A 1 6  ? -2.707  4.391   -10.105 1.00 0.00 ? 6  ARG A HB2  1 
ATOM 103 H HB3  . ARG A 1 6  ? -1.093  4.055   -9.639  1.00 0.00 ? 6  ARG A HB3  1 
ATOM 104 H HG2  . ARG A 1 6  ? -1.367  1.892   -10.540 1.00 0.00 ? 6  ARG A HG2  1 
ATOM 105 H HG3  . ARG A 1 6  ? -2.161  1.480   -9.079  1.00 0.00 ? 6  ARG A HG3  1 
ATOM 106 H HD2  . ARG A 1 6  ? -4.457  2.151   -10.115 1.00 0.00 ? 6  ARG A HD2  1 
ATOM 107 H HD3  . ARG A 1 6  ? -3.678  2.610   -11.596 1.00 0.00 ? 6  ARG A HD3  1 
ATOM 108 H HH11 . ARG A 1 6  ? -2.486  1.745   -13.059 1.00 0.00 ? 6  ARG A HH11 1 
ATOM 109 H HH12 . ARG A 1 6  ? -2.315  0.259   -14.120 1.00 0.00 ? 6  ARG A HH12 1 
ATOM 110 H HH21 . ARG A 1 6  ? -3.864  -1.816  -11.850 1.00 0.00 ? 6  ARG A HH21 1 
ATOM 111 H HH22 . ARG A 1 6  ? -3.043  -1.621  -13.479 1.00 0.00 ? 6  ARG A HH22 1 
ATOM 112 N N    . PHE A 1 7  ? -2.520  5.719   -6.212  1.00 0.00 ? 7  PHE A N    1 
ATOM 113 C CA   . PHE A 1 7  ? -2.198  7.011   -5.574  1.00 0.00 ? 7  PHE A CA   1 
ATOM 114 C C    . PHE A 1 7  ? -1.521  6.832   -4.194  1.00 0.00 ? 7  PHE A C    1 
ATOM 115 O O    . PHE A 1 7  ? -0.424  7.362   -3.991  1.00 0.00 ? 7  PHE A O    1 
ATOM 116 C CB   . PHE A 1 7  ? -3.437  7.939   -5.583  1.00 0.00 ? 7  PHE A CB   1 
ATOM 117 C CG   . PHE A 1 7  ? -3.122  9.448   -5.517  1.00 0.00 ? 7  PHE A CG   1 
ATOM 118 C CD1  . PHE A 1 7  ? -2.940  10.095  -4.289  1.00 0.00 ? 7  PHE A CD1  1 
ATOM 119 C CD2  . PHE A 1 7  ? -3.004  10.186  -6.701  1.00 0.00 ? 7  PHE A CD2  1 
ATOM 120 C CE1  . PHE A 1 7  ? -2.649  11.457  -4.246  1.00 0.00 ? 7  PHE A CE1  1 
ATOM 121 C CE2  . PHE A 1 7  ? -2.714  11.548  -6.657  1.00 0.00 ? 7  PHE A CE2  1 
ATOM 122 C CZ   . PHE A 1 7  ? -2.538  12.182  -5.429  1.00 0.00 ? 7  PHE A CZ   1 
ATOM 123 H H    . PHE A 1 7  ? -3.274  5.146   -5.808  1.00 0.00 ? 7  PHE A H    1 
ATOM 124 H HA   . PHE A 1 7  ? -1.480  7.506   -6.197  1.00 0.00 ? 7  PHE A HA   1 
ATOM 125 H HB2  . PHE A 1 7  ? -4.053  7.754   -6.491  1.00 0.00 ? 7  PHE A HB2  1 
ATOM 126 H HB3  . PHE A 1 7  ? -4.073  7.639   -4.742  1.00 0.00 ? 7  PHE A HB3  1 
ATOM 127 H HD1  . PHE A 1 7  ? -3.010  9.548   -3.363  1.00 0.00 ? 7  PHE A HD1  1 
ATOM 128 H HD2  . PHE A 1 7  ? -3.134  9.708   -7.663  1.00 0.00 ? 7  PHE A HD2  1 
ATOM 129 H HE1  . PHE A 1 7  ? -2.508  11.949  -3.296  1.00 0.00 ? 7  PHE A HE1  1 
ATOM 130 H HE2  . PHE A 1 7  ? -2.624  12.112  -7.574  1.00 0.00 ? 7  PHE A HE2  1 
ATOM 131 H HZ   . PHE A 1 7  ? -2.312  13.239  -5.396  1.00 0.00 ? 7  PHE A HZ   1 
ATOM 132 N N    . LEU A 1 8  ? -2.150  6.090   -3.262  1.00 0.00 ? 8  LEU A N    1 
ATOM 133 C CA   . LEU A 1 8  ? -1.584  5.843   -1.913  1.00 0.00 ? 8  LEU A CA   1 
ATOM 134 C C    . LEU A 1 8  ? -0.341  4.893   -1.850  1.00 0.00 ? 8  LEU A C    1 
ATOM 135 O O    . LEU A 1 8  ? 0.459   5.017   -0.919  1.00 0.00 ? 8  LEU A O    1 
ATOM 136 C CB   . LEU A 1 8  ? -2.695  5.325   -0.978  1.00 0.00 ? 8  LEU A CB   1 
ATOM 137 C CG   . LEU A 1 8  ? -3.817  6.371   -0.574  1.00 0.00 ? 8  LEU A CG   1 
ATOM 138 C CD1  . LEU A 1 8  ? -3.274  7.351   0.480   1.00 0.00 ? 8  LEU A CD1  1 
ATOM 139 C CD2  . LEU A 1 8  ? -4.542  7.183   -1.671  1.00 0.00 ? 8  LEU A CD2  1 
ATOM 140 H H    . LEU A 1 8  ? -3.112  5.795   -3.473  1.00 0.00 ? 8  LEU A H    1 
ATOM 141 H HA   . LEU A 1 8  ? -1.328  6.813   -1.477  1.00 0.00 ? 8  LEU A HA   1 
ATOM 142 H HB2  . LEU A 1 8  ? -3.069  4.381   -1.415  1.00 0.00 ? 8  LEU A HB2  1 
ATOM 143 H HB3  . LEU A 1 8  ? -2.188  4.938   -0.063  1.00 0.00 ? 8  LEU A HB3  1 
ATOM 144 H HG   . LEU A 1 8  ? -4.658  5.842   -0.123  1.00 0.00 ? 8  LEU A HG   1 
ATOM 145 H HD11 . LEU A 1 8  ? -2.492  8.011   0.060   1.00 0.00 ? 8  LEU A HD11 1 
ATOM 146 H HD12 . LEU A 1 8  ? -2.829  6.813   1.337   1.00 0.00 ? 8  LEU A HD12 1 
ATOM 147 H HD13 . LEU A 1 8  ? -4.073  8.001   0.878   1.00 0.00 ? 8  LEU A HD13 1 
ATOM 148 H HD21 . LEU A 1 8  ? -4.957  6.540   -2.466  1.00 0.00 ? 8  LEU A HD21 1 
ATOM 149 H HD22 . LEU A 1 8  ? -3.880  7.923   -2.151  1.00 0.00 ? 8  LEU A HD22 1 
ATOM 150 H HD23 . LEU A 1 8  ? -5.395  7.753   -1.254  1.00 0.00 ? 8  LEU A HD23 1 
ATOM 151 N N    . SER A 1 9  ? -0.199  3.952   -2.814  1.00 0.00 ? 9  SER A N    1 
ATOM 152 C CA   . SER A 1 9  ? 0.912   2.967   -2.908  1.00 0.00 ? 9  SER A CA   1 
ATOM 153 C C    . SER A 1 9  ? 0.844   1.882   -1.807  1.00 0.00 ? 9  SER A C    1 
ATOM 154 O O    . SER A 1 9  ? 1.857   1.577   -1.175  1.00 0.00 ? 9  SER A O    1 
ATOM 155 C CB   . SER A 1 9  ? 2.247   3.688   -3.121  1.00 0.00 ? 9  SER A CB   1 
ATOM 156 O OG   . SER A 1 9  ? 3.257   2.804   -3.596  1.00 0.00 ? 9  SER A OG   1 
ATOM 157 H H    . SER A 1 9  ? -0.870  4.018   -3.576  1.00 0.00 ? 9  SER A H    1 
ATOM 158 H HA   . SER A 1 9  ? 0.785   2.445   -3.845  1.00 0.00 ? 9  SER A HA   1 
ATOM 159 H HB2  . SER A 1 9  ? 2.070   4.500   -3.853  1.00 0.00 ? 9  SER A HB2  1 
ATOM 160 H HB3  . SER A 1 9  ? 2.568   4.145   -2.180  1.00 0.00 ? 9  SER A HB3  1 
ATOM 161 H HG   . SER A 1 9  ? 4.045   3.341   -3.711  1.00 0.00 ? 9  SER A HG   1 
ATOM 162 N N    . GLU A 1 10 ? -0.352  1.262   -1.614  1.00 0.00 ? 10 GLU A N    1 
ATOM 163 C CA   . GLU A 1 10 ? -0.633  0.216   -0.611  1.00 0.00 ? 10 GLU A CA   1 
ATOM 164 C C    . GLU A 1 10 ? -0.206  0.643   0.822   1.00 0.00 ? 10 GLU A C    1 
ATOM 165 O O    . GLU A 1 10 ? 0.469   -0.090  1.550   1.00 0.00 ? 10 GLU A O    1 
ATOM 166 C CB   . GLU A 1 10 ? -0.103  -1.144  -1.154  1.00 0.00 ? 10 GLU A CB   1 
ATOM 167 C CG   . GLU A 1 10 ? -0.680  -1.677  -2.490  1.00 0.00 ? 10 GLU A CG   1 
ATOM 168 C CD   . GLU A 1 10 ? -2.191  -1.938  -2.480  1.00 0.00 ? 10 GLU A CD   1 
ATOM 169 O OE1  . GLU A 1 10 ? -3.025  -1.083  -2.776  1.00 0.00 ? 10 GLU A OE1  1 
ATOM 170 O OE2  . GLU A 1 10 ? -2.497  -3.220  -2.103  1.00 0.00 ? 10 GLU A OE2  1 
ATOM 171 H H    . GLU A 1 10 ? -1.105  1.396   -2.279  1.00 0.00 ? 10 GLU A H    1 
ATOM 172 H HA   . GLU A 1 10 ? -1.731  0.218   -0.559  1.00 0.00 ? 10 GLU A HA   1 
ATOM 173 H HB2  . GLU A 1 10 ? 0.999   -1.096  -1.242  1.00 0.00 ? 10 GLU A HB2  1 
ATOM 174 H HB3  . GLU A 1 10 ? -0.275  -1.908  -0.402  1.00 0.00 ? 10 GLU A HB3  1 
ATOM 175 H HG2  . GLU A 1 10 ? -0.442  -0.975  -3.311  1.00 0.00 ? 10 GLU A HG2  1 
ATOM 176 H HG3  . GLU A 1 10 ? -0.153  -2.612  -2.762  1.00 0.00 ? 10 GLU A HG3  1 
ATOM 177 H HE2  . GLU A 1 10 ? -3.443  -3.378  -2.098  1.00 0.00 ? 10 GLU A HE2  1 
ATOM 178 N N    . TYR A 1 11 ? -0.682  1.861   1.195   1.00 0.00 ? 11 TYR A N    1 
ATOM 179 C CA   . TYR A 1 11 ? -0.400  2.529   2.500   1.00 0.00 ? 11 TYR A CA   1 
ATOM 180 C C    . TYR A 1 11 ? 1.144   2.782   2.588   1.00 0.00 ? 11 TYR A C    1 
ATOM 181 O O    . TYR A 1 11 ? 1.743   2.573   3.645   1.00 0.00 ? 11 TYR A O    1 
ATOM 182 C CB   . TYR A 1 11 ? -1.065  1.786   3.703   1.00 0.00 ? 11 TYR A CB   1 
ATOM 183 C CG   . TYR A 1 11 ? -1.099  2.572   5.028   1.00 0.00 ? 11 TYR A CG   1 
ATOM 184 C CD1  . TYR A 1 11 ? -2.026  3.603   5.213   1.00 0.00 ? 11 TYR A CD1  1 
ATOM 185 C CD2  . TYR A 1 11 ? -0.207  2.261   6.063   1.00 0.00 ? 11 TYR A CD2  1 
ATOM 186 C CE1  . TYR A 1 11 ? -2.054  4.319   6.408   1.00 0.00 ? 11 TYR A CE1  1 
ATOM 187 C CE2  . TYR A 1 11 ? -0.233  2.981   7.255   1.00 0.00 ? 11 TYR A CE2  1 
ATOM 188 C CZ   . TYR A 1 11 ? -1.157  4.009   7.428   1.00 0.00 ? 11 TYR A CZ   1 
ATOM 189 O OH   . TYR A 1 11 ? -1.184  4.716   8.604   1.00 0.00 ? 11 TYR A OH   1 
ATOM 190 H H    . TYR A 1 11 ? -1.033  2.382   0.377   1.00 0.00 ? 11 TYR A H    1 
ATOM 191 H HA   . TYR A 1 11 ? -0.857  3.522   2.441   1.00 0.00 ? 11 TYR A HA   1 
ATOM 192 H HB2  . TYR A 1 11 ? -2.107  1.521   3.436   1.00 0.00 ? 11 TYR A HB2  1 
ATOM 193 H HB3  . TYR A 1 11 ? -0.571  0.806   3.851   1.00 0.00 ? 11 TYR A HB3  1 
ATOM 194 H HD1  . TYR A 1 11 ? -2.726  3.859   4.430   1.00 0.00 ? 11 TYR A HD1  1 
ATOM 195 H HD2  . TYR A 1 11 ? 0.517   1.469   5.946   1.00 0.00 ? 11 TYR A HD2  1 
ATOM 196 H HE1  . TYR A 1 11 ? -2.772  5.116   6.539   1.00 0.00 ? 11 TYR A HE1  1 
ATOM 197 H HE2  . TYR A 1 11 ? 0.464   2.738   8.044   1.00 0.00 ? 11 TYR A HE2  1 
ATOM 198 H HH   . TYR A 1 11 ? -1.875  5.380   8.553   1.00 0.00 ? 11 TYR A HH   1 
ATOM 199 N N    . GLN A 1 12 ? 1.789   3.270   1.480   1.00 0.00 ? 12 GLN A N    1 
ATOM 200 C CA   . GLN A 1 12 ? 3.257   3.529   1.409   1.00 0.00 ? 12 GLN A CA   1 
ATOM 201 C C    . GLN A 1 12 ? 4.033   2.206   1.746   1.00 0.00 ? 12 GLN A C    1 
ATOM 202 O O    . GLN A 1 12 ? 5.019   2.230   2.485   1.00 0.00 ? 12 GLN A O    1 
ATOM 203 C CB   . GLN A 1 12 ? 3.584   4.810   2.200   1.00 0.00 ? 12 GLN A CB   1 
ATOM 204 C CG   . GLN A 1 12 ? 4.803   5.641   1.746   1.00 0.00 ? 12 GLN A CG   1 
ATOM 205 C CD   . GLN A 1 12 ? 6.186   5.065   2.092   1.00 0.00 ? 12 GLN A CD   1 
ATOM 206 O OE1  . GLN A 1 12 ? 6.868   4.499   1.240   1.00 0.00 ? 12 GLN A OE1  1 
ATOM 207 N NE2  . GLN A 1 12 ? 6.629   5.201   3.334   1.00 0.00 ? 12 GLN A NE2  1 
ATOM 208 H H    . GLN A 1 12 ? 1.208   3.454   0.651   1.00 0.00 ? 12 GLN A H    1 
ATOM 209 H HA   . GLN A 1 12 ? 3.494   3.778   0.379   1.00 0.00 ? 12 GLN A HA   1 
ATOM 210 H HB2  . GLN A 1 12 ? 2.702   5.470   2.098   1.00 0.00 ? 12 GLN A HB2  1 
ATOM 211 H HB3  . GLN A 1 12 ? 3.663   4.548   3.260   1.00 0.00 ? 12 GLN A HB3  1 
ATOM 212 H HG2  . GLN A 1 12 ? 4.738   5.805   0.654   1.00 0.00 ? 12 GLN A HG2  1 
ATOM 213 H HG3  . GLN A 1 12 ? 4.712   6.654   2.182   1.00 0.00 ? 12 GLN A HG3  1 
ATOM 214 H HE21 . GLN A 1 12 ? 6.010   5.686   3.993   1.00 0.00 ? 12 GLN A HE21 1 
ATOM 215 H HE22 . GLN A 1 12 ? 7.556   4.811   3.537   1.00 0.00 ? 12 GLN A HE22 1 
ATOM 216 N N    . SER A 1 13 ? 3.566   1.044   1.190   1.00 0.00 ? 13 SER A N    1 
ATOM 217 C CA   . SER A 1 13 ? 4.153   -0.304  1.421   1.00 0.00 ? 13 SER A CA   1 
ATOM 218 C C    . SER A 1 13 ? 4.132   -0.645  2.943   1.00 0.00 ? 13 SER A C    1 
ATOM 219 O O    . SER A 1 13 ? 5.137   -1.116  3.484   1.00 0.00 ? 13 SER A O    1 
ATOM 220 C CB   . SER A 1 13 ? 5.462   -0.437  0.645   1.00 0.00 ? 13 SER A CB   1 
ATOM 221 O OG   . SER A 1 13 ? 5.913   -1.786  0.598   1.00 0.00 ? 13 SER A OG   1 
ATOM 222 H H    . SER A 1 13 ? 2.744   1.137   0.575   1.00 0.00 ? 13 SER A H    1 
ATOM 223 H HA   . SER A 1 13 ? 3.506   -1.028  0.946   1.00 0.00 ? 13 SER A HA   1 
ATOM 224 H HB2  . SER A 1 13 ? 5.287   -0.055  -0.380  1.00 0.00 ? 13 SER A HB2  1 
ATOM 225 H HB3  . SER A 1 13 ? 6.220   0.196   1.109   1.00 0.00 ? 13 SER A HB3  1 
ATOM 226 H HG   . SER A 1 13 ? 6.726   -1.775  0.089   1.00 0.00 ? 13 SER A HG   1 
ATOM 227 N N    . ASN A 1 14 ? 2.957   -0.429  3.619   1.00 0.00 ? 14 ASN A N    1 
ATOM 228 C CA   . ASN A 1 14 ? 2.788   -0.675  5.088   1.00 0.00 ? 14 ASN A CA   1 
ATOM 229 C C    . ASN A 1 14 ? 3.776   0.241   5.899   1.00 0.00 ? 14 ASN A C    1 
ATOM 230 O O    . ASN A 1 14 ? 4.236   -0.152  6.975   1.00 0.00 ? 14 ASN A O    1 
ATOM 231 C CB   . ASN A 1 14 ? 2.820   -2.187  5.473   1.00 0.00 ? 14 ASN A CB   1 
ATOM 232 C CG   . ASN A 1 14 ? 1.558   -2.946  5.028   1.00 0.00 ? 14 ASN A CG   1 
ATOM 233 O OD1  . ASN A 1 14 ? 1.348   -3.200  3.842   1.00 0.00 ? 14 ASN A OD1  1 
ATOM 234 N ND2  . ASN A 1 14 ? 0.656   -3.258  5.946   1.00 0.00 ? 14 ASN A ND2  1 
ATOM 235 H H    . ASN A 1 14 ? 2.253   0.139   3.118   1.00 0.00 ? 14 ASN A H    1 
ATOM 236 H HA   . ASN A 1 14 ? 1.791   -0.313  5.361   1.00 0.00 ? 14 ASN A HA   1 
ATOM 237 H HB2  . ASN A 1 14 ? 3.715   -2.683  5.054   1.00 0.00 ? 14 ASN A HB2  1 
ATOM 238 H HB3  . ASN A 1 14 ? 2.938   -2.289  6.569   1.00 0.00 ? 14 ASN A HB3  1 
ATOM 239 H HD21 . ASN A 1 14 ? 0.934   -3.222  6.935   1.00 0.00 ? 14 ASN A HD21 1 
ATOM 240 H HD22 . ASN A 1 14 ? -0.302  -3.260  5.589   1.00 0.00 ? 14 ASN A HD22 1 
ATOM 241 N N    . PHE A 1 15 ? 4.055   1.492   5.404   1.00 0.00 ? 15 PHE A N    1 
ATOM 242 C CA   . PHE A 1 15 ? 4.992   2.475   6.025   1.00 0.00 ? 15 PHE A CA   1 
ATOM 243 C C    . PHE A 1 15 ? 6.370   1.789   6.319   1.00 0.00 ? 15 PHE A C    1 
ATOM 244 O O    . PHE A 1 15 ? 6.893   1.834   7.437   1.00 0.00 ? 15 PHE A O    1 
ATOM 245 C CB   . PHE A 1 15 ? 4.291   3.248   7.149   1.00 0.00 ? 15 PHE A CB   1 
ATOM 246 C CG   . PHE A 1 15 ? 4.994   4.535   7.619   1.00 0.00 ? 15 PHE A CG   1 
ATOM 247 C CD1  . PHE A 1 15 ? 4.937   5.697   6.839   1.00 0.00 ? 15 PHE A CD1  1 
ATOM 248 C CD2  . PHE A 1 15 ? 5.695   4.558   8.831   1.00 0.00 ? 15 PHE A CD2  1 
ATOM 249 C CE1  . PHE A 1 15 ? 5.577   6.859   7.261   1.00 0.00 ? 15 PHE A CE1  1 
ATOM 250 C CE2  . PHE A 1 15 ? 6.335   5.723   9.251   1.00 0.00 ? 15 PHE A CE2  1 
ATOM 251 C CZ   . PHE A 1 15 ? 6.275   6.872   8.467   1.00 0.00 ? 15 PHE A CZ   1 
ATOM 252 H H    . PHE A 1 15 ? 3.580   1.740   4.522   1.00 0.00 ? 15 PHE A H    1 
ATOM 253 H HA   . PHE A 1 15 ? 5.180   3.234   5.261   1.00 0.00 ? 15 PHE A HA   1 
ATOM 254 H HB2  . PHE A 1 15 ? 3.282   3.503   6.778   1.00 0.00 ? 15 PHE A HB2  1 
ATOM 255 H HB3  . PHE A 1 15 ? 4.137   2.550   7.975   1.00 0.00 ? 15 PHE A HB3  1 
ATOM 256 H HD1  . PHE A 1 15 ? 4.401   5.701   5.901   1.00 0.00 ? 15 PHE A HD1  1 
ATOM 257 H HD2  . PHE A 1 15 ? 5.753   3.674   9.450   1.00 0.00 ? 15 PHE A HD2  1 
ATOM 258 H HE1  . PHE A 1 15 ? 5.532   7.751   6.654   1.00 0.00 ? 15 PHE A HE1  1 
ATOM 259 H HE2  . PHE A 1 15 ? 6.876   5.734   10.185  1.00 0.00 ? 15 PHE A HE2  1 
ATOM 260 H HZ   . PHE A 1 15 ? 6.771   7.774   8.793   1.00 0.00 ? 15 PHE A HZ   1 
ATOM 261 N N    . LEU A 1 16 ? 6.904   1.109   5.271   1.00 0.00 ? 16 LEU A N    1 
ATOM 262 C CA   . LEU A 1 16 ? 8.175   0.359   5.289   1.00 0.00 ? 16 LEU A CA   1 
ATOM 263 C C    . LEU A 1 16 ? 8.241   -0.741  6.405   1.00 0.00 ? 16 LEU A C    1 
ATOM 264 O O    . LEU A 1 16 ? 9.244   -0.844  7.118   1.00 0.00 ? 16 LEU A O    1 
ATOM 265 C CB   . LEU A 1 16 ? 9.348   1.351   5.148   1.00 0.00 ? 16 LEU A CB   1 
ATOM 266 C CG   . LEU A 1 16 ? 9.544   1.983   3.701   1.00 0.00 ? 16 LEU A CG   1 
ATOM 267 C CD1  . LEU A 1 16 ? 10.793  1.354   3.087   1.00 0.00 ? 16 LEU A CD1  1 
ATOM 268 C CD2  . LEU A 1 16 ? 8.454   1.871   2.601   1.00 0.00 ? 16 LEU A CD2  1 
ATOM 269 H H    . LEU A 1 16 ? 6.537   1.366   4.349   1.00 0.00 ? 16 LEU A H    1 
ATOM 270 H HA   . LEU A 1 16 ? 8.208   -0.208  4.345   1.00 0.00 ? 16 LEU A HA   1 
ATOM 271 H HB2  . LEU A 1 16 ? 9.266   2.120   5.941   1.00 0.00 ? 16 LEU A HB2  1 
ATOM 272 H HB3  . LEU A 1 16 ? 10.259  0.805   5.487   1.00 0.00 ? 16 LEU A HB3  1 
ATOM 273 H HG   . LEU A 1 16 ? 9.662   3.077   3.777   1.00 0.00 ? 16 LEU A HG   1 
ATOM 274 H HD11 . LEU A 1 16 ? 11.662  1.494   3.749   1.00 0.00 ? 16 LEU A HD11 1 
ATOM 275 H HD12 . LEU A 1 16 ? 10.633  0.267   2.947   1.00 0.00 ? 16 LEU A HD12 1 
ATOM 276 H HD13 . LEU A 1 16 ? 11.024  1.799   2.104   1.00 0.00 ? 16 LEU A HD13 1 
ATOM 277 H HD21 . LEU A 1 16 ? 7.514   2.355   2.904   1.00 0.00 ? 16 LEU A HD21 1 
ATOM 278 H HD22 . LEU A 1 16 ? 8.231   0.828   2.309   1.00 0.00 ? 16 LEU A HD22 1 
ATOM 279 H HD23 . LEU A 1 16 ? 8.767   2.389   1.669   1.00 0.00 ? 16 LEU A HD23 1 
ATOM 280 N N    . GLY A 1 17 ? 7.176   -1.574  6.532   1.00 0.00 ? 17 GLY A N    1 
ATOM 281 C CA   . GLY A 1 17 ? 7.152   -2.656  7.538   1.00 0.00 ? 17 GLY A CA   1 
ATOM 282 C C    . GLY A 1 17 ? 5.862   -3.484  7.450   1.00 0.00 ? 17 GLY A C    1 
ATOM 283 O O    . GLY A 1 17 ? 4.864   -3.136  8.088   1.00 0.00 ? 17 GLY A O    1 
ATOM 284 H H    . GLY A 1 17 ? 6.314   -1.292  6.029   1.00 0.00 ? 17 GLY A H    1 
ATOM 285 H HA2  . GLY A 1 17 ? 8.047   -3.301  7.430   1.00 0.00 ? 17 GLY A HA2  1 
ATOM 286 H HA3  . GLY A 1 17 ? 7.227   -2.218  8.553   1.00 0.00 ? 17 GLY A HA3  1 
ATOM 287 N N    . GLY A 1 18 ? 5.907   -4.583  6.680   1.00 0.00 ? 18 GLY A N    1 
ATOM 288 C CA   . GLY A 1 18 ? 4.748   -5.485  6.517   1.00 0.00 ? 18 GLY A CA   1 
ATOM 289 C C    . GLY A 1 18 ? 5.176   -6.804  5.852   1.00 0.00 ? 18 GLY A C    1 
ATOM 290 O O    . GLY A 1 18 ? 5.457   -6.829  4.650   1.00 0.00 ? 18 GLY A O    1 
ATOM 291 H H    . GLY A 1 18 ? 6.804   -4.756  6.214   1.00 0.00 ? 18 GLY A H    1 
ATOM 292 H HA2  . GLY A 1 18 ? 4.248   -5.661  7.490   1.00 0.00 ? 18 GLY A HA2  1 
ATOM 293 H HA3  . GLY A 1 18 ? 3.988   -4.995  5.879   1.00 0.00 ? 18 GLY A HA3  1 
ATOM 294 N N    . GLY A 1 19 ? 5.199   -7.893  6.640   1.00 0.00 ? 19 GLY A N    1 
ATOM 295 C CA   . GLY A 1 19 ? 5.588   -9.234  6.148   1.00 0.00 ? 19 GLY A CA   1 
ATOM 296 C C    . GLY A 1 19 ? 4.417   -9.974  5.474   1.00 0.00 ? 19 GLY A C    1 
ATOM 297 O O    . GLY A 1 19 ? 3.424   -10.296 6.133   1.00 0.00 ? 19 GLY A O    1 
ATOM 298 H H    . GLY A 1 19 ? 4.926   -7.731  7.615   1.00 0.00 ? 19 GLY A H    1 
ATOM 299 H HA2  . GLY A 1 19 ? 6.480   -9.165  5.493   1.00 0.00 ? 19 GLY A HA2  1 
ATOM 300 H HA3  . GLY A 1 19 ? 5.924   -9.835  7.014   1.00 0.00 ? 19 GLY A HA3  1 
ATOM 301 N N    . TYR A 1 20 ? 4.551   -10.224 4.159   1.00 0.00 ? 20 TYR A N    1 
ATOM 302 C CA   . TYR A 1 20 ? 3.527   -10.922 3.348   1.00 0.00 ? 20 TYR A CA   1 
ATOM 303 C C    . TYR A 1 20 ? 4.256   -11.858 2.351   1.00 0.00 ? 20 TYR A C    1 
ATOM 304 O O    . TYR A 1 20 ? 4.967   -11.420 1.442   1.00 0.00 ? 20 TYR A O    1 
ATOM 305 C CB   . TYR A 1 20 ? 2.576   -9.941  2.596   1.00 0.00 ? 20 TYR A CB   1 
ATOM 306 C CG   . TYR A 1 20 ? 1.716   -9.018  3.482   1.00 0.00 ? 20 TYR A CG   1 
ATOM 307 C CD1  . TYR A 1 20 ? 0.542   -9.492  4.078   1.00 0.00 ? 20 TYR A CD1  1 
ATOM 308 C CD2  . TYR A 1 20 ? 2.127   -7.703  3.728   1.00 0.00 ? 20 TYR A CD2  1 
ATOM 309 C CE1  . TYR A 1 20 ? -0.205  -8.664  4.913   1.00 0.00 ? 20 TYR A CE1  1 
ATOM 310 C CE2  . TYR A 1 20 ? 1.383   -6.880  4.568   1.00 0.00 ? 20 TYR A CE2  1 
ATOM 311 C CZ   . TYR A 1 20 ? 0.216   -7.358  5.158   1.00 0.00 ? 20 TYR A CZ   1 
ATOM 312 O OH   . TYR A 1 20 ? -0.517  -6.544  5.986   1.00 0.00 ? 20 TYR A OH   1 
ATOM 313 H H    . TYR A 1 20 ? 5.466   -10.023 3.765   1.00 0.00 ? 20 TYR A H    1 
ATOM 314 H HA   . TYR A 1 20 ? 2.924   -11.536 4.031   1.00 0.00 ? 20 TYR A HA   1 
ATOM 315 H HB2  . TYR A 1 20 ? 3.161   -9.333  1.878   1.00 0.00 ? 20 TYR A HB2  1 
ATOM 316 H HB3  . TYR A 1 20 ? 1.897   -10.530 1.948   1.00 0.00 ? 20 TYR A HB3  1 
ATOM 317 H HD1  . TYR A 1 20 ? 0.212   -10.507 3.906   1.00 0.00 ? 20 TYR A HD1  1 
ATOM 318 H HD2  . TYR A 1 20 ? 3.035   -7.319  3.286   1.00 0.00 ? 20 TYR A HD2  1 
ATOM 319 H HE1  . TYR A 1 20 ? -1.109  -9.040  5.372   1.00 0.00 ? 20 TYR A HE1  1 
ATOM 320 H HE2  . TYR A 1 20 ? 1.720   -5.874  4.764   1.00 0.00 ? 20 TYR A HE2  1 
ATOM 321 H HH   . TYR A 1 20 ? -0.086  -5.688  6.044   1.00 0.00 ? 20 TYR A HH   1 
# 
